data_3ZBO
#
_entry.id   3ZBO
#
_cell.length_a   52.921
_cell.length_b   87.159
_cell.length_c   112.604
_cell.angle_alpha   90.00
_cell.angle_beta   90.00
_cell.angle_gamma   90.00
#
_symmetry.space_group_name_H-M   'P 21 21 21'
#
loop_
_entity.id
_entity.type
_entity.pdbx_description
1 polymer ALKF
2 non-polymer 'CHLORIDE ION'
3 water water
#
_entity_poly.entity_id   1
_entity_poly.type   'polypeptide(L)'
_entity_poly.pdbx_seq_one_letter_code
;GSHMASMDFKTVMQELEALGKERTKKIYISNGAHEPVFGVATGAMKPIAKKIKLNQELAEELYATGNYDAMYFAGIIADP
KAMSESDFDRWIDGAYFYMLSDYVVAVTLSESNIAQDVADKWIASGDELKMSAGWSCYCWLLGNRKDNAFSESKISDMLE
MVKDTIHHSPERTKSAMNNFLNTVAISYVPLHEKAVEIAKEVGIVEVKRDNKKSSLLNASESIQKELDRGRLGFKRKYVR
C
;
_entity_poly.pdbx_strand_id   A,B
#
loop_
_chem_comp.id
_chem_comp.type
_chem_comp.name
_chem_comp.formula
CL non-polymer 'CHLORIDE ION' 'Cl -1'
#
# COMPACT_ATOMS: atom_id res chain seq x y z
N SER A 6 33.51 -10.91 -6.18
CA SER A 6 32.02 -10.75 -6.37
C SER A 6 31.32 -12.12 -6.25
N MET A 7 30.07 -12.08 -5.76
CA MET A 7 29.30 -13.29 -5.44
C MET A 7 29.05 -14.07 -6.72
N ASP A 8 29.27 -15.38 -6.71
CA ASP A 8 29.04 -16.11 -7.93
C ASP A 8 27.65 -16.77 -7.93
N PHE A 9 27.28 -17.15 -9.14
CA PHE A 9 26.00 -17.82 -9.38
C PHE A 9 25.70 -18.93 -8.42
N LYS A 10 26.66 -19.85 -8.23
CA LYS A 10 26.37 -21.02 -7.38
C LYS A 10 26.09 -20.59 -5.94
N THR A 11 26.83 -19.59 -5.46
CA THR A 11 26.67 -19.09 -4.11
C THR A 11 25.31 -18.38 -3.93
N VAL A 12 24.90 -17.59 -4.90
CA VAL A 12 23.56 -16.99 -4.78
C VAL A 12 22.46 -18.01 -4.77
N MET A 13 22.55 -19.01 -5.64
CA MET A 13 21.56 -20.08 -5.70
C MET A 13 21.53 -20.84 -4.37
N GLN A 14 22.70 -21.08 -3.79
CA GLN A 14 22.66 -21.73 -2.45
C GLN A 14 22.00 -20.89 -1.37
N GLU A 15 22.31 -19.59 -1.35
CA GLU A 15 21.77 -18.68 -0.33
C GLU A 15 20.24 -18.56 -0.51
N LEU A 16 19.77 -18.49 -1.76
CA LEU A 16 18.33 -18.39 -1.97
C LEU A 16 17.60 -19.66 -1.56
N GLU A 17 18.16 -20.80 -1.85
CA GLU A 17 17.56 -22.10 -1.47
C GLU A 17 17.49 -22.15 0.03
N ALA A 18 18.52 -21.63 0.70
CA ALA A 18 18.48 -21.68 2.19
C ALA A 18 17.43 -20.82 2.79
N LEU A 19 17.04 -19.72 2.09
CA LEU A 19 15.99 -18.83 2.55
C LEU A 19 14.58 -19.34 2.19
N GLY A 20 14.45 -20.38 1.41
CA GLY A 20 13.10 -20.85 0.94
C GLY A 20 12.30 -21.39 2.14
N LYS A 21 11.01 -21.11 2.18
CA LYS A 21 10.11 -21.66 3.24
C LYS A 21 8.91 -22.24 2.55
N GLU A 22 8.45 -23.40 3.04
CA GLU A 22 7.44 -24.24 2.35
C GLU A 22 6.11 -23.52 2.26
N ARG A 23 5.82 -22.70 3.27
CA ARG A 23 4.61 -21.85 3.26
C ARG A 23 4.60 -20.88 2.10
N THR A 24 5.65 -20.02 2.00
CA THR A 24 5.84 -19.03 0.90
C THR A 24 5.81 -19.78 -0.46
N LYS A 25 6.45 -20.95 -0.49
CA LYS A 25 6.49 -21.72 -1.75
C LYS A 25 5.10 -22.19 -2.23
N LYS A 26 4.38 -22.80 -1.31
CA LYS A 26 2.94 -23.14 -1.54
C LYS A 26 2.10 -22.00 -2.15
N ILE A 27 2.28 -20.79 -1.63
CA ILE A 27 1.54 -19.65 -2.07
C ILE A 27 1.99 -19.31 -3.51
N TYR A 28 3.32 -19.35 -3.73
CA TYR A 28 3.78 -19.02 -5.09
C TYR A 28 3.28 -20.01 -6.09
N ILE A 29 3.29 -21.29 -5.74
CA ILE A 29 2.75 -22.31 -6.63
C ILE A 29 1.21 -22.13 -6.84
N SER A 30 0.49 -21.74 -5.79
CA SER A 30 -0.93 -21.44 -5.90
C SER A 30 -1.17 -20.31 -6.91
N ASN A 31 -0.21 -19.39 -7.01
CA ASN A 31 -0.38 -18.27 -7.90
C ASN A 31 0.05 -18.58 -9.35
N GLY A 32 0.67 -19.74 -9.57
CA GLY A 32 1.05 -20.18 -10.92
C GLY A 32 2.52 -20.47 -11.09
N ALA A 33 3.31 -20.32 -10.02
CA ALA A 33 4.78 -20.68 -10.12
C ALA A 33 4.84 -22.21 -10.27
N HIS A 34 5.89 -22.65 -10.90
CA HIS A 34 6.19 -24.09 -10.95
C HIS A 34 7.57 -24.38 -10.55
N GLU A 35 7.82 -25.66 -10.20
CA GLU A 35 9.17 -26.04 -9.91
C GLU A 35 10.09 -25.77 -11.14
N PRO A 36 11.32 -25.35 -10.85
CA PRO A 36 11.91 -25.16 -9.54
C PRO A 36 11.55 -23.84 -8.94
N VAL A 37 11.29 -23.88 -7.63
CA VAL A 37 10.93 -22.68 -6.88
C VAL A 37 11.25 -22.96 -5.44
N PHE A 38 11.81 -21.95 -4.76
CA PHE A 38 12.17 -22.16 -3.40
C PHE A 38 11.19 -21.51 -2.40
N GLY A 39 10.55 -20.40 -2.77
CA GLY A 39 9.65 -19.78 -1.81
C GLY A 39 10.40 -18.83 -0.90
N VAL A 40 11.01 -17.81 -1.47
CA VAL A 40 11.77 -16.83 -0.66
C VAL A 40 10.99 -15.55 -0.42
N ALA A 41 10.71 -15.15 0.84
CA ALA A 41 10.02 -13.90 1.05
C ALA A 41 10.93 -12.80 0.59
N THR A 42 10.37 -11.81 -0.11
CA THR A 42 11.21 -10.76 -0.71
C THR A 42 12.06 -9.98 0.30
N GLY A 43 11.56 -9.76 1.52
CA GLY A 43 12.42 -8.95 2.41
C GLY A 43 13.68 -9.72 2.79
N ALA A 44 13.62 -11.05 2.72
CA ALA A 44 14.78 -11.87 3.04
C ALA A 44 15.90 -11.68 2.01
N MET A 45 15.58 -11.09 0.86
CA MET A 45 16.62 -10.82 -0.13
C MET A 45 17.48 -9.58 0.10
N LYS A 46 17.07 -8.70 1.03
CA LYS A 46 17.73 -7.42 1.21
CA LYS A 46 17.72 -7.42 1.31
C LYS A 46 19.22 -7.55 1.51
N PRO A 47 19.62 -8.44 2.46
CA PRO A 47 21.07 -8.47 2.65
C PRO A 47 21.89 -8.96 1.46
N ILE A 48 21.37 -9.97 0.72
CA ILE A 48 22.14 -10.43 -0.48
C ILE A 48 22.21 -9.34 -1.56
N ALA A 49 21.11 -8.60 -1.74
CA ALA A 49 21.03 -7.59 -2.77
C ALA A 49 22.02 -6.43 -2.39
N LYS A 50 22.08 -6.09 -1.10
CA LYS A 50 22.98 -5.01 -0.65
C LYS A 50 24.45 -5.40 -0.94
N LYS A 51 24.78 -6.68 -0.85
CA LYS A 51 26.15 -7.14 -1.16
C LYS A 51 26.45 -6.96 -2.67
N ILE A 52 25.45 -7.29 -3.49
CA ILE A 52 25.73 -7.41 -4.93
C ILE A 52 25.60 -6.10 -5.69
N LYS A 53 24.62 -5.29 -5.31
CA LYS A 53 24.25 -4.02 -5.90
C LYS A 53 23.75 -4.35 -7.29
N LEU A 54 24.40 -3.86 -8.34
CA LEU A 54 23.98 -4.14 -9.73
C LEU A 54 24.98 -5.13 -10.38
N ASN A 55 24.48 -6.19 -11.03
CA ASN A 55 25.35 -7.10 -11.75
C ASN A 55 24.47 -7.79 -12.82
N GLN A 56 24.52 -7.19 -14.00
CA GLN A 56 23.74 -7.70 -15.14
C GLN A 56 24.13 -9.08 -15.51
N GLU A 57 25.39 -9.45 -15.55
CA GLU A 57 25.78 -10.79 -15.93
C GLU A 57 25.16 -11.86 -15.02
N LEU A 58 25.25 -11.60 -13.71
CA LEU A 58 24.74 -12.54 -12.74
C LEU A 58 23.19 -12.52 -12.87
N ALA A 59 22.61 -11.36 -13.15
CA ALA A 59 21.15 -11.30 -13.31
C ALA A 59 20.74 -12.19 -14.47
N GLU A 60 21.52 -12.16 -15.53
CA GLU A 60 21.18 -13.01 -16.68
C GLU A 60 21.24 -14.46 -16.36
N GLU A 61 22.30 -14.89 -15.63
CA GLU A 61 22.35 -16.29 -15.29
C GLU A 61 21.21 -16.73 -14.34
N LEU A 62 20.89 -15.86 -13.41
CA LEU A 62 19.81 -16.17 -12.44
C LEU A 62 18.49 -16.21 -13.21
N TYR A 63 18.27 -15.29 -14.14
CA TYR A 63 16.93 -15.31 -14.81
C TYR A 63 16.77 -16.56 -15.67
N ALA A 64 17.89 -17.05 -16.19
CA ALA A 64 17.88 -18.24 -17.05
C ALA A 64 17.60 -19.50 -16.35
N THR A 65 17.67 -19.49 -15.00
CA THR A 65 17.39 -20.73 -14.23
C THR A 65 15.96 -21.21 -14.46
N GLY A 66 15.05 -20.28 -14.71
CA GLY A 66 13.63 -20.62 -14.67
C GLY A 66 13.10 -20.89 -13.27
N ASN A 67 13.85 -20.54 -12.24
CA ASN A 67 13.44 -20.65 -10.86
C ASN A 67 12.90 -19.28 -10.44
N TYR A 68 11.58 -19.23 -10.11
CA TYR A 68 10.95 -17.97 -9.84
C TYR A 68 11.75 -17.10 -8.85
N ASP A 69 12.23 -17.69 -7.76
CA ASP A 69 12.89 -16.80 -6.79
C ASP A 69 14.19 -16.23 -7.31
N ALA A 70 14.92 -17.10 -8.04
CA ALA A 70 16.15 -16.58 -8.69
C ALA A 70 15.85 -15.53 -9.73
N MET A 71 14.76 -15.75 -10.44
CA MET A 71 14.35 -14.77 -11.43
C MET A 71 13.91 -13.41 -10.82
N TYR A 72 13.16 -13.48 -9.70
CA TYR A 72 12.84 -12.30 -8.94
C TYR A 72 14.10 -11.59 -8.48
N PHE A 73 15.05 -12.33 -7.93
CA PHE A 73 16.24 -11.69 -7.44
C PHE A 73 17.05 -11.10 -8.62
N ALA A 74 17.06 -11.78 -9.77
CA ALA A 74 17.77 -11.23 -10.95
C ALA A 74 17.21 -9.85 -11.26
N GLY A 75 15.86 -9.68 -11.17
CA GLY A 75 15.34 -8.30 -11.40
C GLY A 75 15.91 -7.28 -10.42
N ILE A 76 16.07 -7.61 -9.14
CA ILE A 76 16.52 -6.64 -8.16
C ILE A 76 17.94 -6.26 -8.46
N ILE A 77 18.76 -7.20 -8.94
CA ILE A 77 20.18 -6.88 -9.19
C ILE A 77 20.53 -6.47 -10.64
N ALA A 78 19.51 -6.40 -11.48
CA ALA A 78 19.76 -6.04 -12.86
C ALA A 78 20.24 -4.60 -12.99
N ASP A 79 20.77 -4.28 -14.17
CA ASP A 79 21.07 -2.86 -14.53
C ASP A 79 20.16 -2.43 -15.67
N PRO A 80 18.98 -1.99 -15.30
CA PRO A 80 17.99 -1.69 -16.35
C PRO A 80 18.37 -0.54 -17.24
N LYS A 81 19.18 0.40 -16.73
CA LYS A 81 19.56 1.46 -17.65
C LYS A 81 20.53 0.99 -18.72
N ALA A 82 21.13 -0.21 -18.52
CA ALA A 82 22.00 -0.78 -19.53
C ALA A 82 21.29 -1.87 -20.35
N MET A 83 20.01 -2.19 -20.06
CA MET A 83 19.33 -3.24 -20.81
C MET A 83 18.68 -2.63 -22.04
N SER A 84 18.77 -3.33 -23.17
CA SER A 84 18.15 -2.90 -24.40
C SER A 84 16.71 -3.42 -24.53
N GLU A 85 15.99 -2.93 -25.53
CA GLU A 85 14.71 -3.50 -25.86
C GLU A 85 14.82 -5.02 -26.09
N SER A 86 15.87 -5.50 -26.83
CA SER A 86 16.02 -6.90 -27.12
C SER A 86 16.16 -7.67 -25.78
N ASP A 87 16.86 -7.08 -24.80
CA ASP A 87 17.05 -7.75 -23.53
C ASP A 87 15.69 -7.91 -22.84
N PHE A 88 14.93 -6.81 -22.80
CA PHE A 88 13.59 -6.93 -22.17
C PHE A 88 12.69 -7.89 -22.90
N ASP A 89 12.79 -7.99 -24.24
CA ASP A 89 11.95 -8.97 -24.94
C ASP A 89 12.37 -10.38 -24.59
N ARG A 90 13.69 -10.64 -24.34
CA ARG A 90 14.06 -11.95 -23.82
C ARG A 90 13.45 -12.26 -22.46
N TRP A 91 13.52 -11.27 -21.62
CA TRP A 91 13.04 -11.48 -20.22
C TRP A 91 11.51 -11.71 -20.27
N ILE A 92 10.77 -10.90 -21.07
CA ILE A 92 9.33 -11.15 -21.05
C ILE A 92 8.99 -12.50 -21.66
N ASP A 93 9.79 -12.98 -22.62
CA ASP A 93 9.52 -14.32 -23.18
C ASP A 93 9.66 -15.40 -22.13
N GLY A 94 10.47 -15.18 -21.09
CA GLY A 94 10.58 -16.15 -20.03
C GLY A 94 9.68 -15.95 -18.81
N ALA A 95 8.83 -14.93 -18.91
CA ALA A 95 7.98 -14.63 -17.76
C ALA A 95 6.69 -15.43 -17.88
N TYR A 96 6.74 -16.62 -17.30
CA TYR A 96 5.68 -17.58 -17.66
C TYR A 96 4.36 -17.47 -16.91
N PHE A 97 4.37 -16.64 -15.88
CA PHE A 97 3.12 -16.28 -15.20
C PHE A 97 3.16 -14.90 -14.65
N TYR A 98 2.02 -14.40 -14.13
CA TYR A 98 1.93 -12.96 -13.87
C TYR A 98 2.90 -12.42 -12.83
N MET A 99 3.36 -13.22 -11.87
CA MET A 99 4.22 -12.55 -10.88
C MET A 99 5.49 -12.19 -11.60
N LEU A 100 5.94 -12.98 -12.56
CA LEU A 100 7.12 -12.63 -13.36
C LEU A 100 6.84 -11.44 -14.30
N SER A 101 5.72 -11.48 -15.08
CA SER A 101 5.49 -10.40 -15.97
C SER A 101 5.32 -9.08 -15.22
N ASP A 102 4.59 -9.12 -14.08
CA ASP A 102 4.05 -7.85 -13.48
C ASP A 102 5.01 -7.36 -12.39
N TYR A 103 5.62 -8.29 -11.60
CA TYR A 103 6.39 -7.85 -10.43
C TYR A 103 7.92 -7.97 -10.63
N VAL A 104 8.35 -8.54 -11.76
CA VAL A 104 9.79 -8.70 -12.05
C VAL A 104 10.14 -7.98 -13.36
N VAL A 105 9.63 -8.42 -14.51
CA VAL A 105 9.99 -7.76 -15.74
C VAL A 105 9.44 -6.35 -15.82
N ALA A 106 8.14 -6.13 -15.50
CA ALA A 106 7.59 -4.76 -15.62
C ALA A 106 8.31 -3.82 -14.62
N VAL A 107 8.70 -4.33 -13.44
CA VAL A 107 9.29 -3.41 -12.47
C VAL A 107 10.74 -3.10 -12.97
N THR A 108 11.49 -4.08 -13.43
CA THR A 108 12.81 -3.78 -13.99
C THR A 108 12.68 -2.79 -15.17
N LEU A 109 11.67 -3.03 -16.01
CA LEU A 109 11.41 -2.09 -17.14
C LEU A 109 11.11 -0.66 -16.69
N SER A 110 10.33 -0.54 -15.60
CA SER A 110 9.96 0.81 -15.11
C SER A 110 11.19 1.58 -14.64
N GLU A 111 12.31 0.89 -14.45
CA GLU A 111 13.54 1.54 -13.94
CA GLU A 111 13.52 1.60 -13.98
C GLU A 111 14.52 1.79 -15.09
N SER A 112 14.11 1.46 -16.31
CA SER A 112 14.96 1.67 -17.47
C SER A 112 14.69 3.05 -18.05
N ASN A 113 15.44 3.35 -19.14
CA ASN A 113 15.21 4.56 -19.90
C ASN A 113 14.36 4.37 -21.10
N ILE A 114 13.75 3.19 -21.31
CA ILE A 114 12.97 2.95 -22.50
C ILE A 114 11.60 2.37 -22.13
N ALA A 115 11.13 2.70 -20.92
CA ALA A 115 9.95 2.06 -20.34
C ALA A 115 8.71 2.25 -21.16
N GLN A 116 8.33 3.51 -21.49
CA GLN A 116 7.09 3.68 -22.19
C GLN A 116 7.13 3.10 -23.60
N ASP A 117 8.28 3.21 -24.28
CA ASP A 117 8.31 2.69 -25.67
C ASP A 117 8.07 1.17 -25.68
N VAL A 118 8.76 0.43 -24.76
CA VAL A 118 8.65 -0.99 -24.70
C VAL A 118 7.26 -1.39 -24.14
N ALA A 119 6.82 -0.72 -23.10
CA ALA A 119 5.47 -1.07 -22.56
C ALA A 119 4.37 -0.85 -23.57
N ASP A 120 4.47 0.23 -24.32
CA ASP A 120 3.48 0.44 -25.42
C ASP A 120 3.43 -0.68 -26.46
N LYS A 121 4.62 -1.16 -26.86
CA LYS A 121 4.66 -2.27 -27.77
C LYS A 121 4.03 -3.48 -27.14
N TRP A 122 4.34 -3.71 -25.85
CA TRP A 122 3.80 -4.85 -25.19
C TRP A 122 2.27 -4.79 -25.07
N ILE A 123 1.77 -3.63 -24.72
CA ILE A 123 0.29 -3.48 -24.65
C ILE A 123 -0.36 -3.85 -26.01
N ALA A 124 0.33 -3.39 -27.07
CA ALA A 124 -0.19 -3.61 -28.46
C ALA A 124 -0.05 -5.02 -28.94
N SER A 125 0.68 -5.86 -28.20
CA SER A 125 1.04 -7.15 -28.73
C SER A 125 -0.04 -8.15 -28.86
N GLY A 126 -1.11 -8.03 -28.11
CA GLY A 126 -2.18 -9.05 -28.08
C GLY A 126 -1.88 -10.29 -27.26
N ASP A 127 -0.68 -10.37 -26.58
CA ASP A 127 -0.32 -11.54 -25.81
C ASP A 127 -0.55 -11.27 -24.34
N GLU A 128 -1.32 -12.18 -23.69
CA GLU A 128 -1.83 -11.96 -22.31
C GLU A 128 -0.73 -11.40 -21.40
N LEU A 129 0.36 -12.13 -21.23
CA LEU A 129 1.26 -11.71 -20.18
C LEU A 129 2.17 -10.58 -20.63
N LYS A 130 2.45 -10.45 -21.93
CA LYS A 130 3.17 -9.25 -22.35
C LYS A 130 2.33 -7.96 -22.16
N MET A 131 1.03 -8.07 -22.46
CA MET A 131 0.18 -6.91 -22.22
C MET A 131 0.08 -6.65 -20.73
N SER A 132 -0.05 -7.71 -19.92
CA SER A 132 -0.09 -7.50 -18.44
C SER A 132 1.18 -6.76 -17.98
N ALA A 133 2.34 -7.12 -18.51
CA ALA A 133 3.58 -6.45 -18.12
C ALA A 133 3.57 -4.99 -18.59
N GLY A 134 3.00 -4.71 -19.80
CA GLY A 134 3.05 -3.34 -20.26
C GLY A 134 2.13 -2.45 -19.40
N TRP A 135 0.89 -2.90 -19.08
CA TRP A 135 -0.03 -2.12 -18.17
C TRP A 135 0.61 -2.01 -16.81
N SER A 136 1.22 -3.11 -16.32
CA SER A 136 1.86 -3.06 -14.99
C SER A 136 3.00 -2.00 -14.97
N CYS A 137 3.80 -2.00 -16.02
CA CYS A 137 4.91 -1.02 -16.05
C CYS A 137 4.36 0.36 -15.95
N TYR A 138 3.26 0.67 -16.63
CA TYR A 138 2.70 2.02 -16.46
C TYR A 138 2.32 2.30 -15.00
N CYS A 139 1.73 1.33 -14.33
CA CYS A 139 1.39 1.57 -12.91
C CYS A 139 2.65 1.89 -12.12
N TRP A 140 3.80 1.20 -12.36
CA TRP A 140 5.00 1.45 -11.59
C TRP A 140 5.58 2.78 -12.00
N LEU A 141 5.49 3.14 -13.28
CA LEU A 141 6.03 4.47 -13.70
C LEU A 141 5.22 5.59 -13.08
N LEU A 142 3.91 5.45 -12.99
CA LEU A 142 3.07 6.58 -12.41
C LEU A 142 3.43 6.74 -10.94
N GLY A 143 4.05 5.73 -10.28
CA GLY A 143 4.57 5.95 -8.90
C GLY A 143 6.01 6.37 -8.75
N ASN A 144 6.80 6.26 -9.80
CA ASN A 144 8.21 6.66 -9.69
CA ASN A 144 8.24 6.58 -9.75
C ASN A 144 8.59 7.75 -10.69
N ARG A 145 7.57 8.45 -11.22
CA ARG A 145 7.90 9.51 -12.19
C ARG A 145 7.01 10.68 -11.87
N LYS A 146 7.55 11.87 -12.17
CA LYS A 146 6.70 13.04 -12.09
CA LYS A 146 6.74 13.07 -12.19
C LYS A 146 5.64 13.05 -13.22
N ASP A 147 4.54 13.75 -12.97
CA ASP A 147 3.49 13.75 -13.91
C ASP A 147 3.87 14.21 -15.31
N ASN A 148 4.82 15.15 -15.37
CA ASN A 148 5.29 15.63 -16.67
C ASN A 148 6.05 14.62 -17.52
N ALA A 149 6.29 13.42 -16.97
CA ALA A 149 6.85 12.35 -17.78
C ALA A 149 5.80 11.74 -18.65
N PHE A 150 4.52 12.12 -18.53
CA PHE A 150 3.44 11.51 -19.34
C PHE A 150 2.67 12.50 -20.10
N SER A 151 2.28 12.10 -21.30
CA SER A 151 1.35 12.86 -22.11
C SER A 151 -0.07 12.65 -21.53
N GLU A 152 -0.78 13.72 -21.12
CA GLU A 152 -2.12 13.60 -20.53
C GLU A 152 -3.09 13.00 -21.56
N SER A 153 -2.98 13.40 -22.85
CA SER A 153 -3.84 12.78 -23.80
C SER A 153 -3.55 11.27 -24.01
N LYS A 154 -2.29 10.82 -23.92
CA LYS A 154 -1.98 9.41 -24.06
C LYS A 154 -2.63 8.66 -22.86
N ILE A 155 -2.42 9.19 -21.64
CA ILE A 155 -3.05 8.47 -20.48
C ILE A 155 -4.55 8.47 -20.60
N SER A 156 -5.18 9.58 -21.06
CA SER A 156 -6.60 9.58 -21.23
C SER A 156 -7.08 8.53 -22.24
N ASP A 157 -6.34 8.42 -23.34
CA ASP A 157 -6.72 7.45 -24.38
C ASP A 157 -6.55 6.02 -23.81
N MET A 158 -5.52 5.81 -22.99
CA MET A 158 -5.36 4.54 -22.31
C MET A 158 -6.50 4.24 -21.36
N LEU A 159 -7.01 5.24 -20.63
CA LEU A 159 -8.17 4.97 -19.77
C LEU A 159 -9.38 4.52 -20.60
N GLU A 160 -9.57 5.22 -21.77
CA GLU A 160 -10.68 4.83 -22.64
C GLU A 160 -10.54 3.42 -23.20
N MET A 161 -9.30 3.00 -23.48
CA MET A 161 -9.04 1.66 -23.93
CA MET A 161 -9.02 1.65 -23.94
C MET A 161 -9.39 0.66 -22.82
N VAL A 162 -9.02 0.97 -21.59
CA VAL A 162 -9.41 0.08 -20.52
C VAL A 162 -10.95 0.02 -20.40
N LYS A 163 -11.66 1.17 -20.39
CA LYS A 163 -13.12 1.17 -20.35
C LYS A 163 -13.73 0.29 -21.46
N ASP A 164 -13.18 0.44 -22.65
CA ASP A 164 -13.82 -0.17 -23.83
C ASP A 164 -13.52 -1.64 -23.91
N THR A 165 -12.42 -2.12 -23.30
CA THR A 165 -11.93 -3.45 -23.64
C THR A 165 -11.54 -4.34 -22.45
N ILE A 166 -11.58 -3.79 -21.25
CA ILE A 166 -11.19 -4.65 -20.10
C ILE A 166 -12.01 -5.96 -19.95
N HIS A 167 -13.32 -5.87 -20.17
CA HIS A 167 -14.14 -7.02 -19.88
C HIS A 167 -13.95 -8.12 -20.91
N HIS A 168 -13.28 -7.82 -22.01
CA HIS A 168 -13.03 -8.89 -23.03
C HIS A 168 -11.53 -9.07 -23.24
N SER A 169 -10.75 -8.61 -22.26
CA SER A 169 -9.29 -8.85 -22.33
C SER A 169 -8.91 -10.16 -21.66
N PRO A 170 -7.73 -10.71 -21.99
CA PRO A 170 -7.26 -11.90 -21.28
C PRO A 170 -7.16 -11.67 -19.79
N GLU A 171 -7.31 -12.73 -19.04
CA GLU A 171 -7.47 -12.63 -17.58
C GLU A 171 -6.37 -11.80 -16.91
N ARG A 172 -5.11 -12.15 -17.17
CA ARG A 172 -4.09 -11.40 -16.45
C ARG A 172 -3.99 -9.99 -16.93
N THR A 173 -4.35 -9.71 -18.17
CA THR A 173 -4.34 -8.37 -18.70
C THR A 173 -5.37 -7.55 -17.87
N LYS A 174 -6.55 -8.14 -17.59
CA LYS A 174 -7.61 -7.44 -16.89
C LYS A 174 -7.05 -6.97 -15.52
N SER A 175 -6.30 -7.82 -14.79
CA SER A 175 -5.75 -7.44 -13.48
C SER A 175 -4.86 -6.23 -13.66
N ALA A 176 -3.99 -6.22 -14.65
CA ALA A 176 -3.10 -5.09 -14.79
C ALA A 176 -3.80 -3.84 -15.27
N MET A 177 -4.78 -3.97 -16.15
CA MET A 177 -5.55 -2.76 -16.59
C MET A 177 -6.32 -2.20 -15.35
N ASN A 178 -6.84 -3.11 -14.48
CA ASN A 178 -7.53 -2.60 -13.28
C ASN A 178 -6.57 -1.81 -12.36
N ASN A 179 -5.37 -2.36 -12.23
CA ASN A 179 -4.32 -1.68 -11.46
C ASN A 179 -4.09 -0.30 -12.13
N PHE A 180 -4.06 -0.24 -13.45
CA PHE A 180 -3.83 1.05 -14.10
C PHE A 180 -4.97 2.03 -13.72
N LEU A 181 -6.22 1.63 -13.76
CA LEU A 181 -7.33 2.52 -13.35
C LEU A 181 -7.09 3.05 -11.95
N ASN A 182 -6.77 2.14 -11.02
CA ASN A 182 -6.52 2.59 -9.65
C ASN A 182 -5.37 3.51 -9.53
N THR A 183 -4.31 3.26 -10.27
CA THR A 183 -3.06 4.02 -10.13
C THR A 183 -3.24 5.38 -10.75
N VAL A 184 -3.88 5.46 -11.93
CA VAL A 184 -4.13 6.82 -12.56
C VAL A 184 -4.98 7.61 -11.56
N ALA A 185 -6.03 7.00 -11.00
CA ALA A 185 -6.93 7.83 -10.12
C ALA A 185 -6.22 8.40 -8.94
N ILE A 186 -5.27 7.67 -8.37
CA ILE A 186 -4.56 8.14 -7.19
C ILE A 186 -3.28 8.84 -7.49
N SER A 187 -2.46 8.36 -8.44
CA SER A 187 -1.13 8.88 -8.63
C SER A 187 -0.95 9.83 -9.82
N TYR A 188 -1.98 10.02 -10.62
CA TYR A 188 -1.90 10.94 -11.78
C TYR A 188 -3.05 11.91 -11.74
N VAL A 189 -2.86 12.92 -10.88
CA VAL A 189 -3.98 13.85 -10.60
C VAL A 189 -4.56 14.58 -11.79
N PRO A 190 -3.78 14.78 -12.88
CA PRO A 190 -4.53 15.43 -14.02
C PRO A 190 -5.75 14.74 -14.52
N LEU A 191 -5.84 13.42 -14.35
CA LEU A 191 -7.00 12.67 -14.78
C LEU A 191 -7.62 11.90 -13.60
N HIS A 192 -7.50 12.51 -12.40
CA HIS A 192 -8.21 11.89 -11.23
C HIS A 192 -9.70 11.70 -11.49
N GLU A 193 -10.38 12.76 -11.93
CA GLU A 193 -11.84 12.64 -12.05
C GLU A 193 -12.24 11.68 -13.14
N LYS A 194 -11.52 11.67 -14.28
CA LYS A 194 -11.91 10.76 -15.38
C LYS A 194 -11.69 9.31 -14.93
N ALA A 195 -10.59 9.06 -14.20
CA ALA A 195 -10.30 7.66 -13.79
C ALA A 195 -11.39 7.14 -12.83
N VAL A 196 -11.85 8.04 -11.95
CA VAL A 196 -12.96 7.68 -11.02
C VAL A 196 -14.19 7.33 -11.83
N GLU A 197 -14.49 8.15 -12.86
CA GLU A 197 -15.71 7.89 -13.62
C GLU A 197 -15.54 6.61 -14.45
N ILE A 198 -14.34 6.39 -14.99
CA ILE A 198 -14.13 5.15 -15.73
C ILE A 198 -14.29 3.95 -14.84
N ALA A 199 -13.73 4.06 -13.65
CA ALA A 199 -13.89 2.93 -12.67
C ALA A 199 -15.34 2.61 -12.39
N LYS A 200 -16.17 3.66 -12.22
CA LYS A 200 -17.59 3.43 -12.03
C LYS A 200 -18.22 2.75 -13.24
N GLU A 201 -17.83 3.18 -14.44
CA GLU A 201 -18.36 2.57 -15.70
C GLU A 201 -17.95 1.11 -15.82
N VAL A 202 -16.67 0.81 -15.44
CA VAL A 202 -16.16 -0.55 -15.57
C VAL A 202 -16.82 -1.48 -14.57
N GLY A 203 -16.96 -1.05 -13.34
CA GLY A 203 -17.59 -1.87 -12.34
C GLY A 203 -16.69 -3.01 -11.90
N ILE A 204 -17.27 -4.11 -11.47
CA ILE A 204 -16.50 -5.25 -11.03
C ILE A 204 -15.82 -5.94 -12.23
N VAL A 205 -14.54 -6.28 -12.04
CA VAL A 205 -13.75 -6.97 -13.07
C VAL A 205 -13.41 -8.34 -12.52
N GLU A 206 -13.79 -9.36 -13.26
CA GLU A 206 -13.63 -10.75 -12.79
C GLU A 206 -12.43 -11.37 -13.48
N VAL A 207 -11.41 -11.63 -12.67
CA VAL A 207 -10.19 -12.30 -13.14
C VAL A 207 -10.34 -13.80 -12.85
N LYS A 208 -10.55 -14.54 -13.94
CA LYS A 208 -10.67 -16.03 -13.84
C LYS A 208 -9.29 -16.60 -13.69
N ARG A 209 -9.22 -17.62 -12.83
CA ARG A 209 -7.89 -18.19 -12.49
C ARG A 209 -8.02 -19.72 -12.44
N ASP A 210 -6.94 -20.35 -12.90
CA ASP A 210 -6.82 -21.81 -12.72
C ASP A 210 -6.52 -22.13 -11.25
N ASN A 211 -7.24 -23.13 -10.73
CA ASN A 211 -6.97 -23.71 -9.42
C ASN A 211 -7.44 -22.93 -8.22
N LYS A 212 -8.10 -21.79 -8.48
CA LYS A 212 -8.70 -21.08 -7.37
C LYS A 212 -9.90 -20.30 -7.91
N LYS A 213 -10.65 -19.74 -6.98
CA LYS A 213 -11.83 -18.95 -7.28
CA LYS A 213 -11.83 -19.04 -7.44
C LYS A 213 -11.39 -17.74 -8.13
N SER A 214 -12.34 -17.16 -8.87
CA SER A 214 -12.08 -15.87 -9.53
C SER A 214 -11.79 -14.84 -8.47
N SER A 215 -10.99 -13.86 -8.88
CA SER A 215 -10.81 -12.60 -8.15
C SER A 215 -11.80 -11.58 -8.66
N LEU A 216 -12.68 -11.07 -7.79
CA LEU A 216 -13.58 -9.98 -8.19
C LEU A 216 -13.01 -8.60 -7.83
N LEU A 217 -12.38 -7.96 -8.84
CA LEU A 217 -11.70 -6.67 -8.49
C LEU A 217 -12.75 -5.56 -8.50
N ASN A 218 -12.53 -4.54 -7.69
CA ASN A 218 -13.43 -3.40 -7.63
C ASN A 218 -12.61 -2.13 -7.47
N ALA A 219 -12.32 -1.58 -8.65
CA ALA A 219 -11.39 -0.40 -8.71
C ALA A 219 -12.09 0.77 -8.02
N SER A 220 -13.40 0.91 -8.19
CA SER A 220 -14.06 2.05 -7.55
C SER A 220 -13.82 1.99 -6.04
N GLU A 221 -13.98 0.82 -5.46
CA GLU A 221 -13.79 0.60 -4.00
CA GLU A 221 -13.82 0.74 -4.02
C GLU A 221 -12.35 0.89 -3.61
N SER A 222 -11.42 0.34 -4.40
CA SER A 222 -9.98 0.41 -4.04
CA SER A 222 -9.99 0.41 -3.97
C SER A 222 -9.56 1.88 -4.08
N ILE A 223 -10.03 2.59 -5.11
CA ILE A 223 -9.72 4.06 -5.24
C ILE A 223 -10.38 4.79 -4.05
N GLN A 224 -11.61 4.43 -3.70
CA GLN A 224 -12.21 5.09 -2.57
C GLN A 224 -11.44 4.90 -1.27
N LYS A 225 -10.88 3.71 -1.06
CA LYS A 225 -10.09 3.43 0.18
C LYS A 225 -8.88 4.34 0.21
N GLU A 226 -8.23 4.54 -0.94
CA GLU A 226 -7.12 5.44 -0.94
C GLU A 226 -7.49 6.88 -0.72
N LEU A 227 -8.61 7.30 -1.30
CA LEU A 227 -9.10 8.66 -0.97
C LEU A 227 -9.44 8.83 0.48
N ASP A 228 -10.02 7.79 1.07
CA ASP A 228 -10.32 7.82 2.55
C ASP A 228 -9.06 7.97 3.46
N ARG A 229 -7.90 7.49 2.96
CA ARG A 229 -6.64 7.54 3.62
C ARG A 229 -5.92 8.87 3.30
N GLY A 230 -6.46 9.72 2.44
CA GLY A 230 -5.89 11.03 2.11
C GLY A 230 -4.79 10.92 1.08
N ARG A 231 -4.79 9.79 0.35
CA ARG A 231 -3.67 9.55 -0.62
C ARG A 231 -3.83 10.07 -2.01
N LEU A 232 -4.79 10.86 -2.32
CA LEU A 232 -4.81 11.53 -3.69
C LEU A 232 -3.56 12.26 -3.98
N GLY A 233 -2.90 11.94 -5.13
CA GLY A 233 -1.63 12.52 -5.52
C GLY A 233 -0.40 11.73 -5.07
N PHE A 234 -0.53 10.74 -4.19
CA PHE A 234 0.53 10.02 -3.63
C PHE A 234 1.21 9.21 -4.71
N LYS A 235 2.52 9.28 -4.71
CA LYS A 235 3.24 8.36 -5.62
C LYS A 235 4.21 7.47 -4.84
N ARG A 236 3.99 6.17 -5.04
CA ARG A 236 4.70 5.09 -4.35
CA ARG A 236 4.78 5.14 -4.33
C ARG A 236 5.70 4.41 -5.34
N LYS A 237 7.00 4.55 -5.14
CA LYS A 237 7.96 3.64 -5.86
C LYS A 237 7.69 2.22 -5.44
N TYR A 238 7.52 1.31 -6.43
CA TYR A 238 7.27 -0.11 -6.07
C TYR A 238 8.36 -0.63 -5.14
N VAL A 239 7.94 -1.30 -4.04
CA VAL A 239 8.92 -1.85 -3.09
C VAL A 239 9.26 -3.27 -3.41
N ARG A 240 10.52 -3.50 -3.70
CA ARG A 240 10.87 -4.83 -4.28
C ARG A 240 11.26 -5.85 -3.25
N CYS A 241 11.78 -5.38 -2.12
CA CYS A 241 12.38 -6.37 -1.22
C CYS A 241 12.06 -5.94 0.20
N MET B 7 11.48 28.80 10.99
CA MET B 7 10.02 28.79 10.69
C MET B 7 9.25 28.89 11.99
N ASP B 8 8.32 29.82 12.07
CA ASP B 8 7.39 29.88 13.18
C ASP B 8 5.94 29.62 12.74
N PHE B 9 5.02 29.74 13.69
CA PHE B 9 3.65 29.38 13.48
C PHE B 9 3.01 30.14 12.30
N LYS B 10 3.14 31.47 12.28
CA LYS B 10 2.52 32.30 11.25
C LYS B 10 3.00 31.91 9.83
N THR B 11 4.30 31.69 9.64
CA THR B 11 4.78 31.44 8.29
C THR B 11 4.49 30.01 7.83
N VAL B 12 4.52 29.05 8.78
CA VAL B 12 4.07 27.68 8.44
C VAL B 12 2.61 27.74 8.01
N MET B 13 1.75 28.47 8.72
CA MET B 13 0.35 28.51 8.30
C MET B 13 0.22 29.08 6.90
N GLN B 14 0.98 30.15 6.65
CA GLN B 14 0.92 30.78 5.34
CA GLN B 14 1.02 30.82 5.34
C GLN B 14 1.41 29.84 4.23
N GLU B 15 2.49 29.10 4.47
CA GLU B 15 3.06 28.20 3.48
C GLU B 15 2.06 27.05 3.24
N LEU B 16 1.46 26.56 4.30
CA LEU B 16 0.42 25.53 4.10
C LEU B 16 -0.77 26.02 3.35
N GLU B 17 -1.28 27.23 3.65
CA GLU B 17 -2.39 27.75 2.91
C GLU B 17 -2.05 27.87 1.41
N ALA B 18 -0.80 28.25 1.16
CA ALA B 18 -0.40 28.50 -0.26
C ALA B 18 -0.29 27.18 -1.04
N LEU B 19 -0.08 26.09 -0.29
CA LEU B 19 0.06 24.70 -0.91
C LEU B 19 -1.34 24.06 -1.12
N GLY B 20 -2.35 24.61 -0.49
CA GLY B 20 -3.72 24.01 -0.59
C GLY B 20 -4.31 23.93 -2.00
N LYS B 21 -4.91 22.81 -2.37
CA LYS B 21 -5.59 22.72 -3.62
C LYS B 21 -6.99 22.15 -3.43
N GLU B 22 -7.93 22.60 -4.26
CA GLU B 22 -9.29 22.11 -4.19
C GLU B 22 -9.46 20.62 -4.25
N ARG B 23 -8.73 19.92 -5.14
CA ARG B 23 -8.98 18.49 -5.27
C ARG B 23 -8.70 17.77 -3.92
N THR B 24 -7.73 18.22 -3.13
CA THR B 24 -7.43 17.56 -1.87
C THR B 24 -8.41 18.05 -0.80
N LYS B 25 -8.70 19.36 -0.82
CA LYS B 25 -9.66 19.89 0.14
C LYS B 25 -10.99 19.23 0.08
N LYS B 26 -11.49 18.98 -1.13
CA LYS B 26 -12.81 18.40 -1.29
CA LYS B 26 -12.86 18.42 -1.19
C LYS B 26 -12.89 17.01 -0.67
N ILE B 27 -11.84 16.22 -0.92
CA ILE B 27 -11.70 14.88 -0.34
CA ILE B 27 -11.78 14.88 -0.34
C ILE B 27 -11.68 14.93 1.17
N TYR B 28 -10.84 15.82 1.69
CA TYR B 28 -10.80 15.88 3.13
C TYR B 28 -12.17 16.25 3.75
N ILE B 29 -12.83 17.30 3.22
CA ILE B 29 -14.12 17.67 3.82
C ILE B 29 -15.10 16.48 3.63
N SER B 30 -15.10 15.76 2.48
CA SER B 30 -15.95 14.59 2.28
CA SER B 30 -16.01 14.61 2.36
C SER B 30 -15.71 13.56 3.40
N ASN B 31 -14.44 13.44 3.78
CA ASN B 31 -14.04 12.47 4.82
C ASN B 31 -14.42 12.93 6.20
N GLY B 32 -14.77 14.21 6.34
CA GLY B 32 -15.25 14.70 7.65
C GLY B 32 -14.41 15.81 8.19
N ALA B 33 -13.39 16.32 7.49
CA ALA B 33 -12.64 17.48 7.98
C ALA B 33 -13.59 18.69 7.94
N HIS B 34 -13.42 19.56 8.93
CA HIS B 34 -14.18 20.82 8.86
C HIS B 34 -13.34 21.95 8.51
N GLU B 35 -14.08 22.85 7.82
CA GLU B 35 -13.53 24.12 7.49
C GLU B 35 -13.25 24.94 8.76
N PRO B 36 -12.20 25.71 8.75
CA PRO B 36 -11.23 25.91 7.62
C PRO B 36 -10.18 24.77 7.48
N VAL B 37 -9.99 24.41 6.23
CA VAL B 37 -8.98 23.44 5.89
C VAL B 37 -8.46 23.92 4.57
N PHE B 38 -7.22 23.52 4.29
CA PHE B 38 -6.57 24.04 3.07
C PHE B 38 -6.46 23.02 1.94
N GLY B 39 -6.28 21.76 2.34
CA GLY B 39 -6.17 20.71 1.33
C GLY B 39 -4.75 20.62 0.80
N VAL B 40 -3.81 20.32 1.66
CA VAL B 40 -2.37 20.14 1.29
C VAL B 40 -2.05 18.65 1.02
N ALA B 41 -1.77 18.33 -0.26
CA ALA B 41 -1.30 16.93 -0.49
C ALA B 41 -0.09 16.61 0.33
N THR B 42 -0.06 15.47 1.02
CA THR B 42 0.99 15.23 2.01
C THR B 42 2.38 15.32 1.41
N GLY B 43 2.53 14.96 0.14
CA GLY B 43 3.86 15.04 -0.46
C GLY B 43 4.41 16.46 -0.49
N ALA B 44 3.51 17.43 -0.65
CA ALA B 44 3.90 18.84 -0.68
C ALA B 44 4.48 19.32 0.66
N MET B 45 4.29 18.56 1.74
CA MET B 45 4.84 18.94 3.06
C MET B 45 6.34 18.63 3.23
N LYS B 46 6.92 17.82 2.32
CA LYS B 46 8.27 17.32 2.47
C LYS B 46 9.31 18.44 2.62
N PRO B 47 9.32 19.47 1.72
CA PRO B 47 10.33 20.55 1.87
C PRO B 47 10.22 21.26 3.20
N ILE B 48 8.98 21.52 3.64
CA ILE B 48 8.77 22.27 4.88
C ILE B 48 9.19 21.44 6.08
N ALA B 49 8.91 20.13 6.06
CA ALA B 49 9.29 19.31 7.21
C ALA B 49 10.77 19.16 7.33
N LYS B 50 11.38 19.05 6.15
CA LYS B 50 12.82 19.03 6.08
C LYS B 50 13.49 20.24 6.77
N LYS B 51 12.92 21.42 6.67
CA LYS B 51 13.52 22.63 7.31
C LYS B 51 13.32 22.62 8.82
N ILE B 52 12.12 22.20 9.24
CA ILE B 52 11.78 22.25 10.66
C ILE B 52 12.36 21.14 11.53
N LYS B 53 12.44 19.92 11.02
CA LYS B 53 12.84 18.73 11.75
C LYS B 53 11.88 18.61 12.90
N LEU B 54 12.34 18.54 14.14
CA LEU B 54 11.34 18.27 15.21
C LEU B 54 11.23 19.52 16.04
N ASN B 55 10.01 19.86 16.41
CA ASN B 55 9.80 21.06 17.15
C ASN B 55 8.46 20.90 17.89
N GLN B 56 8.52 20.51 19.14
CA GLN B 56 7.25 20.30 19.89
C GLN B 56 6.44 21.57 20.14
N GLU B 57 7.05 22.74 20.45
CA GLU B 57 6.28 23.93 20.58
C GLU B 57 5.44 24.24 19.35
N LEU B 58 6.07 24.22 18.15
CA LEU B 58 5.39 24.54 16.92
C LEU B 58 4.34 23.46 16.64
N ALA B 59 4.68 22.21 16.94
CA ALA B 59 3.69 21.11 16.71
C ALA B 59 2.47 21.38 17.55
N GLU B 60 2.67 21.76 18.85
CA GLU B 60 1.53 22.01 19.69
C GLU B 60 0.65 23.19 19.20
N GLU B 61 1.30 24.31 18.74
CA GLU B 61 0.56 25.41 18.24
C GLU B 61 -0.25 25.06 16.99
N LEU B 62 0.39 24.28 16.07
CA LEU B 62 -0.27 23.93 14.85
C LEU B 62 -1.44 22.95 15.16
N TYR B 63 -1.21 22.00 16.07
CA TYR B 63 -2.27 21.06 16.33
C TYR B 63 -3.51 21.72 17.01
N ALA B 64 -3.26 22.79 17.80
CA ALA B 64 -4.38 23.50 18.40
C ALA B 64 -5.18 24.37 17.48
N THR B 65 -4.82 24.53 16.15
CA THR B 65 -5.63 25.31 15.24
C THR B 65 -6.97 24.69 14.99
N GLY B 66 -7.02 23.33 15.05
CA GLY B 66 -8.24 22.65 14.58
C GLY B 66 -8.29 22.48 13.03
N ASN B 67 -7.28 22.97 12.31
CA ASN B 67 -7.25 22.91 10.83
C ASN B 67 -6.49 21.61 10.50
N TYR B 68 -7.20 20.67 9.83
CA TYR B 68 -6.62 19.35 9.63
C TYR B 68 -5.23 19.39 8.99
N ASP B 69 -5.01 20.27 7.99
CA ASP B 69 -3.66 20.29 7.36
C ASP B 69 -2.53 20.72 8.34
N ALA B 70 -2.82 21.75 9.16
CA ALA B 70 -1.87 22.11 10.18
C ALA B 70 -1.69 21.04 11.28
N MET B 71 -2.76 20.33 11.64
CA MET B 71 -2.63 19.22 12.60
C MET B 71 -1.89 18.00 12.06
N TYR B 72 -2.14 17.73 10.76
CA TYR B 72 -1.35 16.65 10.08
C TYR B 72 0.14 17.02 10.07
N PHE B 73 0.45 18.28 9.74
CA PHE B 73 1.82 18.67 9.69
C PHE B 73 2.41 18.67 11.11
N ALA B 74 1.60 19.12 12.07
CA ALA B 74 2.04 19.00 13.46
C ALA B 74 2.50 17.61 13.86
N GLY B 75 1.79 16.58 13.44
CA GLY B 75 2.26 15.26 13.72
C GLY B 75 3.65 14.93 13.12
N ILE B 76 3.87 15.43 11.91
CA ILE B 76 5.17 15.17 11.26
C ILE B 76 6.34 15.83 12.01
N ILE B 77 6.14 17.00 12.60
CA ILE B 77 7.22 17.74 13.25
C ILE B 77 7.22 17.53 14.77
N ALA B 78 6.27 16.74 15.26
CA ALA B 78 6.26 16.49 16.68
C ALA B 78 7.48 15.67 17.12
N ASP B 79 7.80 15.70 18.41
CA ASP B 79 8.89 14.86 18.95
C ASP B 79 8.32 13.70 19.78
N PRO B 80 7.96 12.61 19.12
CA PRO B 80 7.19 11.61 19.85
C PRO B 80 7.95 10.89 20.99
N LYS B 81 9.28 10.86 20.91
CA LYS B 81 10.10 10.34 22.01
C LYS B 81 10.13 11.26 23.19
N ALA B 82 9.74 12.51 23.03
CA ALA B 82 9.63 13.43 24.16
C ALA B 82 8.18 13.57 24.69
N MET B 83 7.21 12.98 23.98
CA MET B 83 5.82 13.16 24.36
C MET B 83 5.39 12.16 25.37
N SER B 84 4.70 12.64 26.41
CA SER B 84 4.28 11.77 27.44
C SER B 84 2.87 11.16 27.18
N GLU B 85 2.45 10.27 28.05
CA GLU B 85 1.07 9.71 27.92
C GLU B 85 0.01 10.85 27.99
N SER B 86 0.15 11.78 28.94
CA SER B 86 -0.77 12.94 28.98
CA SER B 86 -0.70 12.93 28.98
C SER B 86 -0.72 13.73 27.68
N ASP B 87 0.47 13.87 27.04
CA ASP B 87 0.52 14.66 25.81
C ASP B 87 -0.33 13.91 24.76
N PHE B 88 -0.17 12.60 24.68
CA PHE B 88 -1.04 11.82 23.75
C PHE B 88 -2.49 11.89 24.09
N ASP B 89 -2.84 11.94 25.37
CA ASP B 89 -4.30 12.04 25.73
C ASP B 89 -4.83 13.37 25.20
N ARG B 90 -4.01 14.47 25.34
CA ARG B 90 -4.46 15.73 24.81
C ARG B 90 -4.67 15.69 23.29
N TRP B 91 -3.70 15.08 22.61
CA TRP B 91 -3.79 15.03 21.13
C TRP B 91 -5.01 14.17 20.67
N ILE B 92 -5.23 13.04 21.33
CA ILE B 92 -6.39 12.24 20.90
C ILE B 92 -7.74 12.92 21.23
N ASP B 93 -7.73 13.77 22.29
CA ASP B 93 -8.97 14.47 22.59
C ASP B 93 -9.30 15.49 21.52
N GLY B 94 -8.29 15.99 20.78
CA GLY B 94 -8.53 16.91 19.63
C GLY B 94 -8.72 16.23 18.28
N ALA B 95 -8.64 14.91 18.28
CA ALA B 95 -8.70 14.24 16.97
C ALA B 95 -10.18 13.98 16.63
N TYR B 96 -10.77 14.99 16.00
CA TYR B 96 -12.22 15.04 15.95
C TYR B 96 -12.83 14.14 14.90
N PHE B 97 -11.95 13.57 14.04
CA PHE B 97 -12.47 12.61 13.01
C PHE B 97 -11.33 11.61 12.74
N TYR B 98 -11.70 10.55 12.02
CA TYR B 98 -10.80 9.36 11.94
C TYR B 98 -9.50 9.69 11.27
N MET B 99 -9.45 10.62 10.32
CA MET B 99 -8.11 10.84 9.70
C MET B 99 -7.11 11.32 10.76
N LEU B 100 -7.59 12.16 11.69
CA LEU B 100 -6.72 12.54 12.79
C LEU B 100 -6.39 11.43 13.77
N SER B 101 -7.39 10.65 14.16
CA SER B 101 -7.02 9.56 15.04
C SER B 101 -6.09 8.53 14.40
N ASP B 102 -6.37 8.16 13.15
CA ASP B 102 -5.68 6.99 12.56
C ASP B 102 -4.38 7.39 11.86
N TYR B 103 -4.32 8.59 11.22
CA TYR B 103 -3.17 8.91 10.33
C TYR B 103 -2.31 10.02 10.90
N VAL B 104 -2.70 10.57 12.08
CA VAL B 104 -1.87 11.65 12.71
C VAL B 104 -1.48 11.21 14.10
N VAL B 105 -2.46 11.11 15.01
CA VAL B 105 -2.14 10.76 16.38
C VAL B 105 -1.60 9.33 16.47
N ALA B 106 -2.25 8.36 15.79
CA ALA B 106 -1.76 6.98 15.98
C ALA B 106 -0.37 6.81 15.33
N VAL B 107 -0.10 7.60 14.29
CA VAL B 107 1.26 7.45 13.62
C VAL B 107 2.29 8.08 14.55
N THR B 108 2.04 9.29 15.04
CA THR B 108 2.99 9.84 16.04
C THR B 108 3.19 8.89 17.19
N LEU B 109 2.09 8.29 17.73
CA LEU B 109 2.22 7.36 18.86
C LEU B 109 3.11 6.13 18.50
N SER B 110 2.97 5.68 17.25
CA SER B 110 3.74 4.53 16.80
C SER B 110 5.21 4.80 16.72
N GLU B 111 5.61 6.06 16.78
CA GLU B 111 7.02 6.42 16.78
CA GLU B 111 7.00 6.46 16.77
C GLU B 111 7.52 6.73 18.18
N SER B 112 6.71 6.45 19.22
CA SER B 112 7.09 6.83 20.61
C SER B 112 7.57 5.59 21.30
N ASN B 113 8.03 5.71 22.53
CA ASN B 113 8.44 4.56 23.29
C ASN B 113 7.34 3.97 24.16
N ILE B 114 6.13 4.55 24.11
CA ILE B 114 5.07 4.06 24.97
C ILE B 114 3.85 3.66 24.08
N ALA B 115 4.14 3.24 22.85
CA ALA B 115 3.04 3.03 21.83
C ALA B 115 2.07 1.94 22.29
N GLN B 116 2.57 0.75 22.69
CA GLN B 116 1.63 -0.34 23.03
C GLN B 116 0.84 -0.01 24.30
N ASP B 117 1.49 0.57 25.32
CA ASP B 117 0.77 0.84 26.54
C ASP B 117 -0.37 1.80 26.31
N VAL B 118 -0.12 2.87 25.54
CA VAL B 118 -1.17 3.87 25.27
C VAL B 118 -2.22 3.24 24.37
N ALA B 119 -1.77 2.58 23.29
CA ALA B 119 -2.75 2.01 22.40
C ALA B 119 -3.64 1.00 23.10
N ASP B 120 -3.11 0.22 24.04
CA ASP B 120 -3.95 -0.73 24.70
C ASP B 120 -5.04 -0.01 25.55
N LYS B 121 -4.69 1.07 26.24
CA LYS B 121 -5.66 1.87 27.01
CA LYS B 121 -5.69 1.78 27.01
C LYS B 121 -6.75 2.36 26.06
N TRP B 122 -6.31 2.86 24.88
CA TRP B 122 -7.27 3.44 23.95
C TRP B 122 -8.19 2.35 23.38
N ILE B 123 -7.64 1.18 23.03
CA ILE B 123 -8.51 0.06 22.57
C ILE B 123 -9.61 -0.28 23.60
N ALA B 124 -9.17 -0.25 24.86
CA ALA B 124 -10.12 -0.59 25.94
C ALA B 124 -11.06 0.55 26.36
N SER B 125 -10.93 1.75 25.83
CA SER B 125 -11.70 2.96 26.29
C SER B 125 -13.17 2.99 26.00
N GLY B 126 -13.62 2.23 24.97
CA GLY B 126 -14.97 2.40 24.50
C GLY B 126 -15.31 3.58 23.65
N ASP B 127 -14.33 4.45 23.42
CA ASP B 127 -14.59 5.64 22.65
CA ASP B 127 -14.60 5.66 22.64
C ASP B 127 -14.20 5.41 21.19
N GLU B 128 -15.18 5.58 20.26
CA GLU B 128 -14.95 5.25 18.84
C GLU B 128 -13.58 5.66 18.30
N LEU B 129 -13.26 6.94 18.35
CA LEU B 129 -12.00 7.42 17.68
C LEU B 129 -10.73 7.06 18.48
N LYS B 130 -10.81 7.03 19.82
CA LYS B 130 -9.64 6.62 20.55
CA LYS B 130 -9.68 6.60 20.58
C LYS B 130 -9.36 5.13 20.26
N MET B 131 -10.44 4.31 20.21
CA MET B 131 -10.20 2.90 19.90
C MET B 131 -9.68 2.77 18.46
N SER B 132 -10.22 3.56 17.56
CA SER B 132 -9.67 3.54 16.17
C SER B 132 -8.18 3.85 16.17
N ALA B 133 -7.74 4.87 16.92
CA ALA B 133 -6.28 5.21 16.95
C ALA B 133 -5.50 4.05 17.55
N GLY B 134 -6.08 3.38 18.58
CA GLY B 134 -5.23 2.32 19.22
C GLY B 134 -4.99 1.17 18.25
N TRP B 135 -6.08 0.78 17.59
CA TRP B 135 -5.97 -0.32 16.60
C TRP B 135 -5.05 0.13 15.47
N SER B 136 -5.23 1.36 15.00
CA SER B 136 -4.36 1.85 13.94
C SER B 136 -2.91 1.83 14.32
N CYS B 137 -2.60 2.32 15.54
CA CYS B 137 -1.21 2.34 16.03
C CYS B 137 -0.60 0.93 15.91
N TYR B 138 -1.34 -0.13 16.30
CA TYR B 138 -0.76 -1.47 16.19
C TYR B 138 -0.52 -1.78 14.72
N CYS B 139 -1.39 -1.36 13.78
CA CYS B 139 -1.09 -1.60 12.34
C CYS B 139 0.22 -0.96 11.98
N TRP B 140 0.49 0.27 12.45
CA TRP B 140 1.74 0.94 12.05
C TRP B 140 2.94 0.27 12.69
N LEU B 141 2.77 -0.14 13.96
CA LEU B 141 3.88 -0.84 14.67
C LEU B 141 4.19 -2.12 13.95
N LEU B 142 3.20 -2.88 13.50
CA LEU B 142 3.57 -4.19 12.89
C LEU B 142 4.26 -3.99 11.59
N GLY B 143 4.17 -2.79 10.99
CA GLY B 143 4.97 -2.61 9.74
C GLY B 143 6.33 -1.98 9.96
N ASN B 144 6.57 -1.41 11.12
CA ASN B 144 7.85 -0.68 11.37
C ASN B 144 8.65 -1.37 12.45
N ARG B 145 8.22 -2.55 12.88
CA ARG B 145 8.97 -3.18 13.96
C ARG B 145 9.15 -4.63 13.69
N LYS B 146 10.29 -5.18 14.12
CA LYS B 146 10.50 -6.61 14.00
C LYS B 146 9.49 -7.43 14.80
N ASP B 147 9.24 -8.68 14.39
CA ASP B 147 8.23 -9.52 15.06
C ASP B 147 8.51 -9.69 16.54
N ASN B 148 9.80 -9.71 16.89
CA ASN B 148 10.12 -9.85 18.29
C ASN B 148 9.79 -8.68 19.21
N ALA B 149 9.33 -7.56 18.68
CA ALA B 149 8.83 -6.44 19.52
C ALA B 149 7.44 -6.72 20.08
N PHE B 150 6.79 -7.81 19.65
CA PHE B 150 5.46 -8.14 20.05
C PHE B 150 5.42 -9.49 20.74
N SER B 151 4.50 -9.56 21.66
CA SER B 151 4.12 -10.79 22.38
C SER B 151 3.10 -11.51 21.51
N GLU B 152 3.45 -12.74 21.06
CA GLU B 152 2.54 -13.53 20.21
C GLU B 152 1.20 -13.73 20.92
N SER B 153 1.22 -14.09 22.23
CA SER B 153 -0.05 -14.42 22.89
C SER B 153 -0.92 -13.15 22.97
N LYS B 154 -0.27 -11.96 23.11
CA LYS B 154 -1.04 -10.73 23.19
C LYS B 154 -1.66 -10.45 21.82
N ILE B 155 -0.87 -10.64 20.76
CA ILE B 155 -1.46 -10.37 19.43
C ILE B 155 -2.59 -11.36 19.09
N SER B 156 -2.42 -12.61 19.54
CA SER B 156 -3.45 -13.63 19.37
C SER B 156 -4.77 -13.30 20.07
N ASP B 157 -4.60 -12.83 21.31
CA ASP B 157 -5.78 -12.44 22.08
C ASP B 157 -6.45 -11.19 21.46
N MET B 158 -5.62 -10.31 20.86
CA MET B 158 -6.19 -9.18 20.10
C MET B 158 -7.02 -9.63 18.88
N LEU B 159 -6.48 -10.64 18.17
CA LEU B 159 -7.30 -11.19 17.09
C LEU B 159 -8.63 -11.76 17.54
N GLU B 160 -8.60 -12.42 18.69
CA GLU B 160 -9.86 -12.93 19.26
C GLU B 160 -10.78 -11.79 19.65
N MET B 161 -10.24 -10.65 20.14
CA MET B 161 -11.05 -9.49 20.51
CA MET B 161 -11.05 -9.48 20.51
C MET B 161 -11.74 -8.95 19.24
N VAL B 162 -11.00 -8.92 18.14
CA VAL B 162 -11.57 -8.49 16.85
C VAL B 162 -12.72 -9.41 16.44
N LYS B 163 -12.47 -10.73 16.47
CA LYS B 163 -13.54 -11.66 16.11
C LYS B 163 -14.76 -11.47 16.99
N ASP B 164 -14.50 -11.28 18.30
CA ASP B 164 -15.62 -11.18 19.27
C ASP B 164 -16.40 -9.87 19.20
N THR B 165 -15.77 -8.78 18.73
CA THR B 165 -16.38 -7.47 18.92
C THR B 165 -16.50 -6.59 17.67
N ILE B 166 -15.87 -7.01 16.57
CA ILE B 166 -15.92 -6.14 15.40
C ILE B 166 -17.34 -5.78 14.91
N HIS B 167 -18.25 -6.76 14.90
CA HIS B 167 -19.54 -6.51 14.26
C HIS B 167 -20.42 -5.51 15.01
N HIS B 168 -20.14 -5.37 16.32
CA HIS B 168 -20.91 -4.38 17.10
CA HIS B 168 -20.78 -4.52 17.34
C HIS B 168 -20.05 -3.21 17.56
N SER B 169 -18.90 -3.07 16.95
CA SER B 169 -18.09 -1.87 17.25
C SER B 169 -18.57 -0.62 16.55
N PRO B 170 -18.16 0.55 17.07
CA PRO B 170 -18.44 1.82 16.32
C PRO B 170 -17.89 1.79 14.87
N GLU B 171 -18.51 2.48 13.95
CA GLU B 171 -18.25 2.31 12.54
C GLU B 171 -16.80 2.61 12.19
N ARG B 172 -16.19 3.68 12.73
CA ARG B 172 -14.75 3.92 12.38
C ARG B 172 -13.85 2.96 13.05
N THR B 173 -14.24 2.44 14.23
CA THR B 173 -13.40 1.48 14.92
C THR B 173 -13.37 0.18 14.10
N LYS B 174 -14.53 -0.17 13.51
CA LYS B 174 -14.52 -1.38 12.65
C LYS B 174 -13.44 -1.31 11.60
N SER B 175 -13.28 -0.18 10.92
CA SER B 175 -12.29 -0.05 9.83
CA SER B 175 -12.33 -0.17 9.82
C SER B 175 -10.90 -0.36 10.37
N ALA B 176 -10.58 0.20 11.54
CA ALA B 176 -9.26 0.03 12.08
C ALA B 176 -9.01 -1.40 12.57
N MET B 177 -10.04 -2.00 13.13
CA MET B 177 -9.95 -3.43 13.56
C MET B 177 -9.76 -4.35 12.34
N ASN B 178 -10.47 -4.07 11.24
CA ASN B 178 -10.26 -4.85 10.00
C ASN B 178 -8.80 -4.58 9.52
N ASN B 179 -8.29 -3.35 9.64
CA ASN B 179 -6.88 -3.12 9.21
C ASN B 179 -5.93 -3.95 10.10
N PHE B 180 -6.20 -4.07 11.41
CA PHE B 180 -5.33 -4.86 12.25
C PHE B 180 -5.37 -6.34 11.86
N LEU B 181 -6.57 -6.86 11.58
CA LEU B 181 -6.65 -8.28 11.14
C LEU B 181 -5.86 -8.53 9.85
N ASN B 182 -5.99 -7.65 8.85
CA ASN B 182 -5.24 -7.76 7.58
C ASN B 182 -3.76 -7.62 7.83
N THR B 183 -3.41 -6.67 8.74
CA THR B 183 -1.95 -6.33 8.95
C THR B 183 -1.28 -7.51 9.68
N VAL B 184 -1.95 -8.10 10.69
CA VAL B 184 -1.41 -9.27 11.31
C VAL B 184 -1.19 -10.40 10.28
N ALA B 185 -2.19 -10.62 9.43
CA ALA B 185 -2.12 -11.72 8.45
C ALA B 185 -0.89 -11.59 7.56
N ILE B 186 -0.52 -10.37 7.19
CA ILE B 186 0.60 -10.19 6.23
C ILE B 186 1.91 -9.87 6.86
N SER B 187 1.88 -9.06 7.89
CA SER B 187 3.11 -8.52 8.46
C SER B 187 3.52 -9.16 9.77
N TYR B 188 2.74 -10.06 10.37
CA TYR B 188 3.12 -10.75 11.58
C TYR B 188 3.00 -12.25 11.39
N VAL B 189 3.97 -12.77 10.68
CA VAL B 189 3.81 -14.19 10.18
C VAL B 189 3.65 -15.28 11.27
N PRO B 190 4.15 -15.05 12.55
CA PRO B 190 3.81 -16.11 13.52
C PRO B 190 2.33 -16.37 13.67
N LEU B 191 1.49 -15.39 13.36
CA LEU B 191 0.07 -15.60 13.43
C LEU B 191 -0.62 -15.48 12.08
N HIS B 192 0.11 -15.75 10.97
CA HIS B 192 -0.52 -15.75 9.69
C HIS B 192 -1.68 -16.65 9.62
N GLU B 193 -1.47 -17.93 10.03
CA GLU B 193 -2.55 -18.90 9.84
C GLU B 193 -3.73 -18.59 10.75
N LYS B 194 -3.45 -18.17 11.98
CA LYS B 194 -4.54 -17.80 12.86
C LYS B 194 -5.34 -16.61 12.27
N ALA B 195 -4.65 -15.62 11.67
CA ALA B 195 -5.37 -14.48 11.17
C ALA B 195 -6.24 -14.87 10.03
N VAL B 196 -5.79 -15.84 9.19
CA VAL B 196 -6.62 -16.34 8.10
C VAL B 196 -7.89 -17.04 8.66
N GLU B 197 -7.65 -17.82 9.73
CA GLU B 197 -8.80 -18.48 10.43
C GLU B 197 -9.82 -17.50 10.95
N ILE B 198 -9.29 -16.45 11.58
CA ILE B 198 -10.17 -15.49 12.24
C ILE B 198 -10.91 -14.71 11.17
N ALA B 199 -10.23 -14.34 10.09
CA ALA B 199 -10.95 -13.64 9.05
C ALA B 199 -12.14 -14.47 8.46
N LYS B 200 -11.88 -15.81 8.29
CA LYS B 200 -12.97 -16.66 7.88
C LYS B 200 -14.17 -16.63 8.84
N GLU B 201 -13.87 -16.65 10.15
CA GLU B 201 -14.96 -16.61 11.14
CA GLU B 201 -14.91 -16.58 11.22
C GLU B 201 -15.65 -15.25 11.23
N VAL B 202 -14.90 -14.16 10.97
CA VAL B 202 -15.53 -12.87 10.93
C VAL B 202 -16.49 -12.69 9.79
N GLY B 203 -16.13 -13.23 8.63
CA GLY B 203 -17.04 -13.12 7.45
C GLY B 203 -17.08 -11.67 6.99
N ILE B 204 -18.24 -11.16 6.70
CA ILE B 204 -18.38 -9.89 6.04
C ILE B 204 -18.83 -8.89 7.10
N VAL B 205 -18.15 -7.73 7.14
CA VAL B 205 -18.51 -6.66 8.07
C VAL B 205 -19.04 -5.48 7.27
N GLU B 206 -20.30 -5.14 7.52
CA GLU B 206 -20.89 -3.99 6.88
C GLU B 206 -20.53 -2.72 7.67
N VAL B 207 -19.89 -1.80 7.01
CA VAL B 207 -19.61 -0.50 7.65
C VAL B 207 -20.66 0.49 7.15
N LYS B 208 -21.21 1.27 8.07
CA LYS B 208 -22.15 2.33 7.70
C LYS B 208 -21.52 3.70 7.94
N ARG B 209 -22.08 4.70 7.28
CA ARG B 209 -21.83 6.07 7.70
C ARG B 209 -23.13 6.82 7.58
N ASP B 210 -23.44 7.69 8.54
CA ASP B 210 -24.71 8.46 8.58
C ASP B 210 -25.84 7.49 8.44
N ASN B 211 -25.67 6.36 9.12
CA ASN B 211 -26.67 5.28 9.18
C ASN B 211 -27.09 4.70 7.84
N LYS B 212 -26.19 4.73 6.87
CA LYS B 212 -26.42 4.08 5.59
C LYS B 212 -25.22 3.23 5.25
N LYS B 213 -25.44 2.15 4.51
CA LYS B 213 -24.32 1.28 4.10
C LYS B 213 -23.26 2.02 3.38
N SER B 214 -22.01 1.80 3.79
CA SER B 214 -20.87 2.50 3.22
C SER B 214 -19.97 1.49 2.52
N SER B 215 -19.73 0.31 3.14
CA SER B 215 -18.88 -0.72 2.54
CA SER B 215 -19.01 -0.74 2.43
C SER B 215 -19.19 -2.08 3.12
N LEU B 216 -18.79 -3.13 2.42
CA LEU B 216 -18.88 -4.49 2.92
C LEU B 216 -17.47 -4.98 3.00
N LEU B 217 -16.84 -4.94 4.18
CA LEU B 217 -15.44 -5.34 4.27
C LEU B 217 -15.34 -6.86 4.28
N ASN B 218 -14.35 -7.36 3.54
CA ASN B 218 -14.16 -8.79 3.38
C ASN B 218 -12.72 -9.11 3.67
N ALA B 219 -12.43 -9.40 4.95
CA ALA B 219 -11.06 -9.51 5.32
C ALA B 219 -10.43 -10.76 4.70
N SER B 220 -11.23 -11.83 4.55
CA SER B 220 -10.58 -13.00 3.93
C SER B 220 -10.05 -12.67 2.52
N GLU B 221 -10.86 -11.94 1.78
CA GLU B 221 -10.54 -11.60 0.35
C GLU B 221 -9.39 -10.63 0.32
N SER B 222 -9.34 -9.65 1.25
CA SER B 222 -8.23 -8.65 1.27
CA SER B 222 -8.25 -8.66 1.16
C SER B 222 -6.94 -9.32 1.55
N ILE B 223 -6.96 -10.28 2.48
CA ILE B 223 -5.75 -10.99 2.82
C ILE B 223 -5.30 -11.81 1.62
N GLN B 224 -6.24 -12.47 0.95
CA GLN B 224 -5.84 -13.21 -0.26
C GLN B 224 -5.29 -12.32 -1.34
N LYS B 225 -5.79 -11.13 -1.49
CA LYS B 225 -5.30 -10.20 -2.53
CA LYS B 225 -5.30 -10.26 -2.55
C LYS B 225 -3.85 -9.90 -2.23
N GLU B 226 -3.47 -9.83 -0.94
CA GLU B 226 -2.08 -9.52 -0.60
C GLU B 226 -1.19 -10.72 -0.89
N LEU B 227 -1.67 -11.94 -0.61
CA LEU B 227 -0.99 -13.17 -0.94
C LEU B 227 -0.82 -13.34 -2.48
N ASP B 228 -1.82 -12.91 -3.24
CA ASP B 228 -1.66 -12.93 -4.74
C ASP B 228 -0.56 -12.06 -5.19
N ARG B 229 -0.28 -10.99 -4.44
CA ARG B 229 0.79 -10.04 -4.76
CA ARG B 229 0.80 -10.03 -4.72
C ARG B 229 2.16 -10.51 -4.23
N GLY B 230 2.24 -11.69 -3.58
CA GLY B 230 3.49 -12.25 -3.04
C GLY B 230 3.91 -11.62 -1.72
N ARG B 231 2.97 -10.91 -1.05
CA ARG B 231 3.34 -10.07 0.09
CA ARG B 231 3.30 -10.07 0.11
C ARG B 231 3.26 -10.70 1.48
N LEU B 232 3.08 -12.01 1.58
CA LEU B 232 3.29 -12.65 2.92
C LEU B 232 4.66 -12.30 3.56
N GLY B 233 4.66 -11.79 4.82
CA GLY B 233 5.85 -11.31 5.58
C GLY B 233 6.28 -9.86 5.35
N PHE B 234 5.63 -9.20 4.41
CA PHE B 234 5.96 -7.84 3.99
C PHE B 234 5.66 -6.87 5.11
N LYS B 235 6.62 -6.02 5.41
CA LYS B 235 6.46 -4.92 6.45
C LYS B 235 6.80 -3.56 5.86
N ARG B 236 5.90 -2.60 5.99
CA ARG B 236 5.99 -1.26 5.30
C ARG B 236 5.87 -0.28 6.45
N LYS B 237 6.92 0.51 6.77
CA LYS B 237 6.75 1.71 7.67
C LYS B 237 5.78 2.67 7.02
N TYR B 238 4.77 3.18 7.78
CA TYR B 238 3.79 4.07 7.20
C TYR B 238 4.48 5.31 6.64
N VAL B 239 4.10 5.65 5.39
CA VAL B 239 4.70 6.83 4.70
C VAL B 239 3.87 8.13 5.02
N ARG B 240 4.50 9.08 5.68
CA ARG B 240 3.79 10.27 6.21
C ARG B 240 3.73 11.41 5.22
N CYS B 241 4.65 11.45 4.26
CA CYS B 241 4.47 12.43 3.16
C CYS B 241 4.31 11.78 1.76
CL CL C . -14.37 -8.84 -16.40
#